data_2XYW
#
_entry.id   2XYW
#
_cell.length_a   39.368
_cell.length_b   93.218
_cell.length_c   97.473
_cell.angle_alpha   90.00
_cell.angle_beta   97.31
_cell.angle_gamma   90.00
#
_symmetry.space_group_name_H-M   'P 1 21 1'
#
loop_
_entity.id
_entity.type
_entity.pdbx_description
1 polymer 'PEROXISOME PROLIFERATOR-ACTIVATED RECEPTOR DELTA'
2 non-polymer 3-CHLORO-6-FLUORO-N-[2-[4-[(5-PROPAN-2-YL-1,3,4-THIADIAZOL-2-YL)SULFAMOYL]PHENYL]ETHYL]-1-BENZOTHIOPHENE-2-CARBOXAMIDE
3 non-polymer 'octyl beta-D-glucopyranoside'
#
_entity_poly.entity_id   1
_entity_poly.type   'polypeptide(L)'
_entity_poly.pdbx_seq_one_letter_code
;MKKGHHHHHHGGSQYNPQVADLKAFSKHIYNAYLKNFNMTKKKARSILTGKASHTAPFVIHDIETLWQAEKGLVWKQLVN
GLPPYKEISVHVFYRCQCTTVETVRELTEFAKSIPSFSSLFLNDQVTLLKYGVHEAIFAMLASIVNKDGLLVANGSGFVT
REFLRSLRKPFSDIIEPKFEFAVKFNALELDDSDLALFIAAIILCGDRPGLMNVPRVEAIQDTILRALEFHLQANHPDAQ
YLFPKLLQKMADLRQLVTEHAQMMQRIKKTETETSLHPLLQEIYKDMY
;
_entity_poly.pdbx_strand_id   A,B
#
loop_
_chem_comp.id
_chem_comp.type
_chem_comp.name
_chem_comp.formula
08S non-polymer 3-CHLORO-6-FLUORO-N-[2-[4-[(5-PROPAN-2-YL-1,3,4-THIADIAZOL-2-YL)SULFAMOYL]PHENYL]ETHYL]-1-BENZOTHIOPHENE-2-CARBOXAMIDE 'C22 H20 Cl F N4 O3 S3'
BOG D-saccharide 'octyl beta-D-glucopyranoside' 'C14 H28 O6'
#
# COMPACT_ATOMS: atom_id res chain seq x y z
N ASP A 21 -5.30 0.34 4.16
CA ASP A 21 -5.61 0.59 5.58
C ASP A 21 -4.36 1.04 6.28
N LEU A 22 -3.26 0.28 6.09
CA LEU A 22 -1.94 0.58 6.65
C LEU A 22 -1.33 1.83 5.98
N LYS A 23 -1.87 2.22 4.79
CA LYS A 23 -1.49 3.42 4.03
C LYS A 23 -1.94 4.65 4.81
N ALA A 24 -3.16 4.54 5.41
CA ALA A 24 -3.79 5.57 6.23
C ALA A 24 -3.03 5.70 7.56
N PHE A 25 -2.67 4.53 8.15
CA PHE A 25 -1.90 4.43 9.39
C PHE A 25 -0.54 5.09 9.20
N SER A 26 0.19 4.74 8.12
CA SER A 26 1.51 5.30 7.77
C SER A 26 1.42 6.81 7.58
N LYS A 27 0.40 7.28 6.82
CA LYS A 27 0.16 8.70 6.57
C LYS A 27 0.00 9.46 7.89
N HIS A 28 -0.80 8.93 8.83
CA HIS A 28 -1.03 9.52 10.13
C HIS A 28 0.26 9.68 10.96
N ILE A 29 1.11 8.62 11.01
CA ILE A 29 2.39 8.65 11.73
C ILE A 29 3.33 9.70 11.07
N TYR A 30 3.33 9.77 9.72
CA TYR A 30 4.15 10.76 8.99
C TYR A 30 3.71 12.18 9.31
N ASN A 31 2.39 12.39 9.36
CA ASN A 31 1.85 13.70 9.72
C ASN A 31 2.18 14.04 11.19
N ALA A 32 2.21 13.01 12.09
CA ALA A 32 2.56 13.17 13.51
C ALA A 32 4.05 13.53 13.69
N TYR A 33 4.92 12.97 12.83
CA TYR A 33 6.38 13.22 12.78
C TYR A 33 6.58 14.66 12.28
N LEU A 34 6.17 14.99 11.03
CA LEU A 34 6.27 16.34 10.44
C LEU A 34 5.71 17.42 11.36
N LYS A 35 4.51 17.19 11.91
CA LYS A 35 3.82 18.12 12.83
C LYS A 35 4.59 18.31 14.13
N ASN A 36 5.41 17.30 14.54
CA ASN A 36 6.13 17.29 15.82
C ASN A 36 7.63 17.55 15.85
N PHE A 37 8.34 17.44 14.69
CA PHE A 37 9.80 17.62 14.67
C PHE A 37 10.31 18.84 13.95
N ASN A 38 11.19 19.61 14.64
CA ASN A 38 11.87 20.81 14.17
C ASN A 38 12.73 20.52 12.92
N MET A 39 13.28 19.29 12.83
CA MET A 39 14.10 18.95 11.69
C MET A 39 13.96 17.57 11.08
N THR A 40 13.49 17.60 9.84
CA THR A 40 13.35 16.47 8.93
C THR A 40 14.74 16.09 8.42
N LYS A 41 14.92 14.83 7.99
CA LYS A 41 16.21 14.42 7.41
C LYS A 41 16.37 15.19 6.09
N LYS A 42 15.23 15.53 5.42
CA LYS A 42 15.17 16.30 4.18
C LYS A 42 15.87 17.65 4.37
N LYS A 43 15.34 18.49 5.30
CA LYS A 43 15.89 19.81 5.66
C LYS A 43 17.38 19.71 6.03
N ALA A 44 17.72 18.78 6.96
CA ALA A 44 19.06 18.51 7.47
C ALA A 44 20.03 18.14 6.36
N ARG A 45 19.64 17.18 5.49
CA ARG A 45 20.46 16.70 4.37
C ARG A 45 20.71 17.74 3.29
N SER A 46 19.79 18.73 3.15
CA SER A 46 20.00 19.86 2.23
C SER A 46 21.14 20.76 2.83
N ILE A 47 20.97 21.23 4.10
CA ILE A 47 21.92 22.08 4.84
C ILE A 47 23.35 21.51 4.83
N LEU A 48 23.50 20.20 5.10
CA LEU A 48 24.79 19.51 5.12
C LEU A 48 25.37 19.29 3.70
N THR A 49 24.61 19.67 2.65
CA THR A 49 25.07 19.51 1.27
C THR A 49 25.23 20.86 0.55
N GLY A 50 24.16 21.65 0.49
CA GLY A 50 24.15 22.96 -0.15
C GLY A 50 22.84 23.35 -0.79
N LYS A 51 22.56 24.67 -0.77
CA LYS A 51 21.36 25.35 -1.30
C LYS A 51 20.06 24.85 -0.65
N ALA A 56 24.20 28.27 4.72
CA ALA A 56 25.41 27.59 5.19
C ALA A 56 25.59 27.74 6.71
N PRO A 57 26.01 26.67 7.45
CA PRO A 57 26.13 26.80 8.91
C PRO A 57 27.51 27.23 9.40
N PHE A 58 27.55 27.88 10.58
CA PHE A 58 28.78 28.34 11.21
C PHE A 58 29.41 27.22 12.00
N VAL A 59 30.52 26.71 11.48
CA VAL A 59 31.33 25.62 12.02
C VAL A 59 31.98 25.93 13.40
N ILE A 60 31.65 25.11 14.43
CA ILE A 60 32.20 25.20 15.79
C ILE A 60 33.28 24.11 15.93
N HIS A 61 34.56 24.50 16.06
CA HIS A 61 35.65 23.53 16.13
C HIS A 61 36.68 23.79 17.23
N ASP A 62 36.60 24.95 17.88
CA ASP A 62 37.50 25.33 18.98
C ASP A 62 36.80 26.24 19.99
N ILE A 63 37.54 26.74 21.01
CA ILE A 63 36.98 27.59 22.07
C ILE A 63 36.51 28.93 21.48
N GLU A 64 37.34 29.53 20.60
CA GLU A 64 37.06 30.79 19.93
C GLU A 64 35.74 30.73 19.15
N THR A 65 35.58 29.69 18.29
CA THR A 65 34.38 29.43 17.48
C THR A 65 33.12 29.12 18.32
N LEU A 66 33.29 28.44 19.47
CA LEU A 66 32.19 28.14 20.40
C LEU A 66 31.69 29.46 21.00
N TRP A 67 32.64 30.34 21.42
CA TRP A 67 32.36 31.65 22.00
C TRP A 67 31.65 32.53 20.96
N GLN A 68 32.15 32.46 19.70
CA GLN A 68 31.64 33.15 18.51
C GLN A 68 30.20 32.71 18.28
N ALA A 69 29.95 31.38 18.32
CA ALA A 69 28.62 30.82 18.16
C ALA A 69 27.75 31.27 19.33
N GLU A 70 28.30 31.22 20.54
CA GLU A 70 27.60 31.63 21.75
C GLU A 70 27.09 33.08 21.65
N LYS A 71 27.91 33.97 21.04
CA LYS A 71 27.59 35.38 20.83
C LYS A 71 26.44 35.61 19.80
N GLY A 72 26.65 35.22 18.53
CA GLY A 72 25.68 35.42 17.46
C GLY A 72 25.39 34.23 16.56
N LEU A 73 24.66 33.23 17.12
CA LEU A 73 24.18 32.01 16.48
C LEU A 73 22.87 31.65 17.19
N VAL A 74 21.75 31.64 16.42
CA VAL A 74 20.38 31.45 16.90
C VAL A 74 20.07 30.10 17.60
N TRP A 75 20.21 30.06 18.95
CA TRP A 75 19.89 28.87 19.76
C TRP A 75 18.43 29.05 20.25
N LYS A 76 17.61 27.95 20.17
CA LYS A 76 16.21 27.95 20.64
C LYS A 76 16.14 28.11 22.17
N GLN A 77 17.12 27.52 22.88
CA GLN A 77 17.31 27.60 24.33
C GLN A 77 18.52 28.53 24.56
N LEU A 78 18.27 29.73 25.10
CA LEU A 78 19.28 30.76 25.34
C LEU A 78 20.28 30.41 26.46
N VAL A 79 21.50 31.01 26.39
CA VAL A 79 22.61 30.81 27.33
C VAL A 79 22.26 31.15 28.80
N ASN A 80 21.37 32.14 29.02
CA ASN A 80 20.91 32.57 30.35
C ASN A 80 20.08 31.47 31.04
N GLY A 81 19.45 30.59 30.24
CA GLY A 81 18.62 29.48 30.70
C GLY A 81 19.31 28.14 30.89
N LEU A 82 20.66 28.13 30.81
CA LEU A 82 21.51 26.96 31.00
C LEU A 82 21.95 26.86 32.47
N PRO A 83 22.41 25.68 32.99
CA PRO A 83 22.89 25.62 34.38
C PRO A 83 24.09 26.56 34.60
N PRO A 84 24.43 26.96 35.86
CA PRO A 84 25.56 27.91 36.04
C PRO A 84 26.85 27.43 35.40
N TYR A 85 27.43 28.26 34.51
CA TYR A 85 28.65 27.93 33.78
C TYR A 85 29.75 27.47 34.72
N LYS A 86 30.46 26.39 34.32
CA LYS A 86 31.57 25.84 35.08
C LYS A 86 32.85 25.83 34.23
N GLU A 87 32.84 25.10 33.11
CA GLU A 87 33.96 24.98 32.17
C GLU A 87 33.45 24.62 30.75
N ILE A 88 34.37 24.61 29.78
CA ILE A 88 34.10 24.36 28.36
C ILE A 88 33.50 23.01 28.04
N SER A 89 34.11 21.92 28.55
CA SER A 89 33.66 20.54 28.37
C SER A 89 32.28 20.36 28.98
N VAL A 90 31.96 21.15 30.00
CA VAL A 90 30.70 21.11 30.71
C VAL A 90 29.63 21.97 30.04
N HIS A 91 30.02 23.12 29.46
CA HIS A 91 29.09 24.01 28.74
C HIS A 91 28.52 23.31 27.51
N VAL A 92 29.40 22.60 26.74
CA VAL A 92 29.09 21.81 25.53
C VAL A 92 28.05 20.78 25.95
N PHE A 93 28.33 20.08 27.07
CA PHE A 93 27.50 19.06 27.68
C PHE A 93 26.10 19.59 28.04
N TYR A 94 26.02 20.78 28.67
CA TYR A 94 24.77 21.41 29.08
C TYR A 94 23.90 21.79 27.88
N ARG A 95 24.52 22.23 26.75
CA ARG A 95 23.87 22.60 25.49
C ARG A 95 23.29 21.37 24.86
N CYS A 96 24.05 20.24 24.89
CA CYS A 96 23.61 18.94 24.37
C CYS A 96 22.41 18.43 25.18
N GLN A 97 22.52 18.48 26.54
CA GLN A 97 21.50 18.14 27.55
C GLN A 97 20.18 18.83 27.27
N CYS A 98 20.20 20.10 26.88
CA CYS A 98 19.01 20.86 26.58
C CYS A 98 18.24 20.26 25.44
N THR A 99 18.94 20.00 24.31
CA THR A 99 18.37 19.44 23.08
C THR A 99 17.81 18.03 23.32
N THR A 100 18.49 17.21 24.15
CA THR A 100 18.04 15.87 24.52
C THR A 100 16.69 16.02 25.25
N VAL A 101 16.63 16.97 26.19
CA VAL A 101 15.41 17.27 26.93
C VAL A 101 14.30 17.81 26.01
N GLU A 102 14.66 18.57 24.95
CA GLU A 102 13.65 19.08 24.04
C GLU A 102 13.20 17.99 23.05
N THR A 103 14.10 17.04 22.74
CA THR A 103 13.76 15.93 21.84
C THR A 103 12.87 14.97 22.59
N VAL A 104 13.11 14.82 23.93
CA VAL A 104 12.25 13.99 24.78
C VAL A 104 10.83 14.60 24.75
N ARG A 105 10.74 15.94 24.69
CA ARG A 105 9.48 16.68 24.62
C ARG A 105 8.75 16.49 23.25
N GLU A 106 9.47 16.55 22.12
CA GLU A 106 8.92 16.34 20.76
C GLU A 106 8.38 14.90 20.61
N LEU A 107 9.20 13.91 21.04
CA LEU A 107 8.92 12.47 21.04
C LEU A 107 7.68 12.09 21.85
N THR A 108 7.47 12.75 23.03
CA THR A 108 6.31 12.56 23.90
C THR A 108 5.07 13.04 23.14
N GLU A 109 5.16 14.23 22.52
CA GLU A 109 4.10 14.82 21.71
C GLU A 109 3.83 14.04 20.44
N PHE A 110 4.87 13.39 19.89
CA PHE A 110 4.76 12.54 18.71
C PHE A 110 4.05 11.24 19.10
N ALA A 111 4.42 10.66 20.26
CA ALA A 111 3.85 9.42 20.78
C ALA A 111 2.37 9.62 21.04
N LYS A 112 2.01 10.69 21.79
CA LYS A 112 0.61 11.08 22.09
C LYS A 112 -0.19 11.27 20.79
N SER A 113 0.45 11.82 19.72
CA SER A 113 -0.14 12.05 18.39
C SER A 113 -0.70 10.77 17.77
N ILE A 114 -0.14 9.59 18.13
CA ILE A 114 -0.68 8.30 17.72
C ILE A 114 -1.89 8.04 18.68
N PRO A 115 -3.15 7.96 18.16
CA PRO A 115 -4.31 7.77 19.08
C PRO A 115 -4.37 6.42 19.83
N SER A 116 -3.75 5.36 19.26
CA SER A 116 -3.64 3.99 19.83
C SER A 116 -2.73 4.02 21.07
N PHE A 117 -1.64 4.82 21.01
CA PHE A 117 -0.68 5.04 22.10
C PHE A 117 -1.40 5.80 23.20
N SER A 118 -1.97 6.97 22.88
CA SER A 118 -2.70 7.78 23.85
C SER A 118 -4.09 7.15 24.05
N SER A 119 -4.09 5.96 24.71
CA SER A 119 -5.25 5.11 25.04
C SER A 119 -4.83 4.20 26.17
N LEU A 120 -3.51 3.92 26.26
CA LEU A 120 -2.84 3.13 27.30
C LEU A 120 -2.82 3.98 28.58
N PHE A 121 -2.68 3.35 29.77
CA PHE A 121 -2.62 4.09 31.05
C PHE A 121 -1.44 5.04 31.03
N LEU A 122 -1.58 6.23 31.65
CA LEU A 122 -0.52 7.21 31.64
C LEU A 122 0.87 6.70 32.08
N ASN A 123 0.91 5.69 32.98
CA ASN A 123 2.16 5.09 33.44
C ASN A 123 2.75 4.12 32.43
N ASP A 124 1.89 3.46 31.64
CA ASP A 124 2.35 2.56 30.58
C ASP A 124 2.98 3.39 29.45
N GLN A 125 2.45 4.60 29.23
CA GLN A 125 2.94 5.57 28.26
C GLN A 125 4.31 6.03 28.71
N VAL A 126 4.42 6.44 30.00
CA VAL A 126 5.68 6.87 30.63
C VAL A 126 6.75 5.75 30.56
N THR A 127 6.36 4.47 30.76
CA THR A 127 7.29 3.34 30.68
C THR A 127 7.92 3.24 29.29
N LEU A 128 7.07 3.29 28.24
CA LEU A 128 7.49 3.22 26.83
C LEU A 128 8.42 4.37 26.48
N LEU A 129 8.07 5.59 26.91
CA LEU A 129 8.88 6.76 26.66
C LEU A 129 10.18 6.71 27.45
N LYS A 130 10.11 6.39 28.75
CA LYS A 130 11.29 6.25 29.62
C LYS A 130 12.40 5.36 28.98
N TYR A 131 12.03 4.20 28.46
CA TYR A 131 12.99 3.28 27.85
C TYR A 131 13.26 3.41 26.33
N GLY A 132 12.28 3.94 25.57
CA GLY A 132 12.35 4.10 24.12
C GLY A 132 12.90 5.40 23.57
N VAL A 133 12.74 6.50 24.34
CA VAL A 133 13.16 7.86 24.00
C VAL A 133 14.63 8.00 23.55
N HIS A 134 15.58 7.39 24.27
CA HIS A 134 17.00 7.45 23.95
C HIS A 134 17.34 6.70 22.70
N GLU A 135 16.62 5.59 22.43
CA GLU A 135 16.81 4.77 21.23
C GLU A 135 16.40 5.64 20.04
N ALA A 136 15.21 6.24 20.12
CA ALA A 136 14.63 7.11 19.11
C ALA A 136 15.54 8.31 18.82
N ILE A 137 16.06 8.98 19.88
CA ILE A 137 16.93 10.15 19.78
C ILE A 137 18.17 9.84 18.93
N PHE A 138 18.78 8.68 19.17
CA PHE A 138 19.97 8.22 18.46
C PHE A 138 19.68 7.85 16.98
N ALA A 139 18.50 7.27 16.67
CA ALA A 139 18.10 6.99 15.29
C ALA A 139 17.90 8.33 14.52
N MET A 140 17.29 9.32 15.19
CA MET A 140 17.05 10.66 14.63
C MET A 140 18.36 11.44 14.57
N LEU A 141 19.34 11.08 15.39
CA LEU A 141 20.63 11.77 15.39
C LEU A 141 21.35 11.60 14.04
N ALA A 142 21.19 10.43 13.41
CA ALA A 142 21.81 10.09 12.12
C ALA A 142 21.37 11.05 10.98
N SER A 143 20.17 11.64 11.11
CA SER A 143 19.61 12.58 10.12
C SER A 143 20.41 13.90 10.07
N ILE A 144 20.86 14.40 11.24
CA ILE A 144 21.63 15.66 11.41
C ILE A 144 23.15 15.40 11.49
N VAL A 145 23.59 14.18 11.20
CA VAL A 145 25.00 13.77 11.27
C VAL A 145 25.58 13.44 9.88
N ASN A 146 26.92 13.57 9.78
CA ASN A 146 27.84 13.20 8.70
C ASN A 146 29.16 12.79 9.39
N LYS A 147 30.03 12.04 8.70
CA LYS A 147 31.29 11.56 9.25
C LYS A 147 32.11 12.55 10.04
N ASP A 148 32.09 13.85 9.65
CA ASP A 148 32.87 14.95 10.25
C ASP A 148 32.22 15.78 11.38
N GLY A 149 30.92 15.62 11.59
CA GLY A 149 30.22 16.36 12.64
C GLY A 149 28.72 16.33 12.58
N LEU A 150 28.09 17.20 13.37
CA LEU A 150 26.63 17.28 13.47
C LEU A 150 26.06 18.70 13.44
N LEU A 151 24.82 18.82 12.98
CA LEU A 151 24.12 20.09 12.93
C LEU A 151 23.64 20.47 14.33
N VAL A 152 23.68 21.78 14.63
CA VAL A 152 23.21 22.36 15.90
C VAL A 152 22.38 23.62 15.63
N ALA A 153 21.51 23.98 16.60
CA ALA A 153 20.65 25.17 16.61
C ALA A 153 19.83 25.32 15.33
N ASN A 154 18.98 24.32 15.05
CA ASN A 154 18.15 24.26 13.83
C ASN A 154 18.96 24.44 12.54
N GLY A 155 20.14 23.83 12.50
CA GLY A 155 21.06 23.89 11.36
C GLY A 155 21.84 25.19 11.22
N SER A 156 21.70 26.14 12.19
CA SER A 156 22.40 27.43 12.22
C SER A 156 23.90 27.20 12.22
N GLY A 157 24.34 26.20 13.00
CA GLY A 157 25.73 25.82 13.19
C GLY A 157 26.01 24.34 12.97
N PHE A 158 27.29 24.02 12.86
CA PHE A 158 27.75 22.67 12.63
C PHE A 158 28.90 22.39 13.56
N VAL A 159 28.71 21.50 14.55
CA VAL A 159 29.79 21.15 15.49
C VAL A 159 30.65 20.04 14.92
N THR A 160 31.97 20.19 14.97
CA THR A 160 32.89 19.17 14.45
C THR A 160 33.10 18.03 15.44
N ARG A 161 33.38 16.85 14.91
CA ARG A 161 33.59 15.63 15.68
C ARG A 161 34.94 15.70 16.42
N GLU A 162 35.98 16.25 15.76
CA GLU A 162 37.34 16.44 16.29
C GLU A 162 37.33 17.38 17.48
N PHE A 163 36.48 18.43 17.44
CA PHE A 163 36.32 19.37 18.55
C PHE A 163 35.80 18.61 19.79
N LEU A 164 34.79 17.76 19.58
CA LEU A 164 34.17 17.00 20.65
C LEU A 164 35.13 15.97 21.22
N ARG A 165 36.00 15.40 20.35
CA ARG A 165 37.05 14.45 20.75
C ARG A 165 38.12 15.17 21.59
N SER A 166 38.33 16.49 21.30
CA SER A 166 39.32 17.34 21.97
C SER A 166 38.91 17.79 23.33
N LEU A 167 37.66 17.55 23.73
CA LEU A 167 37.20 17.89 25.07
C LEU A 167 37.77 16.89 26.09
N ARG A 168 37.69 17.22 27.38
CA ARG A 168 38.21 16.34 28.41
C ARG A 168 37.37 15.10 28.67
N LYS A 169 38.03 14.02 29.11
CA LYS A 169 37.33 12.81 29.48
C LYS A 169 36.59 13.12 30.80
N PRO A 170 35.38 12.59 31.03
CA PRO A 170 34.64 11.58 30.26
C PRO A 170 33.92 12.11 29.01
N PHE A 171 33.70 13.44 28.94
CA PHE A 171 32.96 14.15 27.89
C PHE A 171 33.35 13.89 26.42
N SER A 172 34.65 13.67 26.17
CA SER A 172 35.13 13.34 24.82
C SER A 172 34.67 11.93 24.35
N ASP A 173 34.40 11.01 25.32
CA ASP A 173 33.95 9.64 25.06
C ASP A 173 32.45 9.44 24.79
N ILE A 174 31.58 10.41 25.20
CA ILE A 174 30.13 10.29 25.07
C ILE A 174 29.62 10.06 23.63
N ILE A 175 29.80 11.07 22.75
CA ILE A 175 29.29 11.08 21.38
C ILE A 175 29.95 10.10 20.40
N GLU A 176 31.06 9.44 20.77
CA GLU A 176 31.71 8.55 19.79
C GLU A 176 30.90 7.30 19.27
N PRO A 177 30.27 6.45 20.13
CA PRO A 177 29.51 5.29 19.60
C PRO A 177 28.28 5.69 18.78
N LYS A 178 27.77 6.89 19.05
CA LYS A 178 26.63 7.46 18.35
C LYS A 178 27.03 7.70 16.91
N PHE A 179 28.21 8.34 16.69
CA PHE A 179 28.76 8.64 15.36
C PHE A 179 29.01 7.38 14.55
N GLU A 180 29.65 6.35 15.19
CA GLU A 180 29.95 5.05 14.57
C GLU A 180 28.68 4.46 13.97
N PHE A 181 27.58 4.45 14.79
CA PHE A 181 26.25 3.97 14.45
C PHE A 181 25.63 4.80 13.32
N ALA A 182 25.54 6.13 13.52
CA ALA A 182 24.90 7.08 12.63
C ALA A 182 25.32 6.95 11.18
N VAL A 183 26.64 6.80 10.95
CA VAL A 183 27.29 6.62 9.64
C VAL A 183 26.76 5.30 8.98
N LYS A 184 26.81 4.16 9.73
CA LYS A 184 26.31 2.83 9.30
C LYS A 184 24.81 2.90 8.98
N PHE A 185 24.02 3.55 9.88
CA PHE A 185 22.57 3.72 9.74
C PHE A 185 22.17 4.56 8.51
N ASN A 186 23.02 5.55 8.16
CA ASN A 186 22.77 6.46 7.04
C ASN A 186 22.93 5.81 5.68
N ALA A 187 23.68 4.67 5.66
CA ALA A 187 23.93 3.86 4.47
C ALA A 187 22.64 3.28 3.90
N LEU A 188 21.67 3.00 4.78
CA LEU A 188 20.34 2.47 4.44
C LEU A 188 19.52 3.49 3.63
N GLU A 189 19.99 4.75 3.60
CA GLU A 189 19.38 5.86 2.87
C GLU A 189 17.85 6.00 3.11
N LEU A 190 17.43 6.18 4.37
CA LEU A 190 15.98 6.29 4.68
C LEU A 190 15.46 7.69 4.57
N ASP A 191 14.17 7.84 4.28
CA ASP A 191 13.56 9.16 4.21
C ASP A 191 12.73 9.45 5.47
N ASP A 192 12.11 10.64 5.56
CA ASP A 192 11.31 11.03 6.71
C ASP A 192 10.09 10.15 6.93
N SER A 193 9.48 9.66 5.84
CA SER A 193 8.31 8.77 5.93
C SER A 193 8.68 7.38 6.47
N ASP A 194 9.97 6.99 6.35
CA ASP A 194 10.44 5.72 6.88
C ASP A 194 10.74 5.87 8.37
N LEU A 195 11.31 7.04 8.75
CA LEU A 195 11.69 7.32 10.13
C LEU A 195 10.50 7.43 11.04
N ALA A 196 9.39 8.07 10.59
CA ALA A 196 8.16 8.19 11.38
C ALA A 196 7.70 6.81 11.82
N LEU A 197 7.69 5.83 10.89
CA LEU A 197 7.32 4.45 11.21
C LEU A 197 8.38 3.74 12.07
N PHE A 198 9.68 3.94 11.74
CA PHE A 198 10.78 3.39 12.52
C PHE A 198 10.72 3.83 14.02
N ILE A 199 10.57 5.16 14.28
CA ILE A 199 10.47 5.74 15.62
C ILE A 199 9.26 5.16 16.38
N ALA A 200 8.11 5.04 15.69
CA ALA A 200 6.87 4.51 16.26
C ALA A 200 7.08 3.08 16.78
N ALA A 201 7.77 2.25 15.96
CA ALA A 201 8.12 0.86 16.28
C ALA A 201 9.08 0.79 17.50
N ILE A 202 9.96 1.81 17.64
CA ILE A 202 10.92 1.93 18.76
C ILE A 202 10.19 2.24 20.06
N ILE A 203 9.27 3.22 20.05
CA ILE A 203 8.54 3.62 21.25
C ILE A 203 7.67 2.46 21.76
N LEU A 204 6.76 1.98 20.88
CA LEU A 204 5.81 0.92 21.19
C LEU A 204 6.47 -0.44 21.14
N CYS A 205 7.11 -0.82 22.25
CA CYS A 205 7.88 -2.04 22.41
C CYS A 205 7.40 -2.74 23.70
N GLY A 206 6.98 -4.01 23.56
CA GLY A 206 6.47 -4.81 24.67
C GLY A 206 7.51 -5.28 25.69
N ASP A 207 8.80 -5.38 25.25
CA ASP A 207 9.94 -5.82 26.08
C ASP A 207 10.31 -4.80 27.19
N ARG A 208 9.55 -3.69 27.35
CA ARG A 208 9.86 -2.71 28.38
C ARG A 208 9.42 -3.17 29.78
N PRO A 209 10.34 -3.10 30.76
CA PRO A 209 10.00 -3.49 32.13
C PRO A 209 9.02 -2.52 32.79
N GLY A 210 8.07 -3.06 33.53
CA GLY A 210 7.06 -2.30 34.26
C GLY A 210 5.84 -1.95 33.43
N LEU A 211 5.69 -2.66 32.32
CA LEU A 211 4.55 -2.46 31.44
C LEU A 211 3.40 -3.23 32.06
N MET A 212 2.21 -2.62 32.10
CA MET A 212 1.02 -3.24 32.66
C MET A 212 0.30 -4.08 31.64
N ASN A 213 -0.09 -3.41 30.52
CA ASN A 213 -0.85 -4.00 29.41
C ASN A 213 0.07 -4.32 28.21
N VAL A 214 0.98 -5.29 28.42
CA VAL A 214 1.90 -5.76 27.39
C VAL A 214 1.20 -6.30 26.13
N PRO A 215 0.11 -7.11 26.20
CA PRO A 215 -0.59 -7.52 24.95
C PRO A 215 -1.06 -6.35 24.09
N ARG A 216 -1.64 -5.30 24.72
CA ARG A 216 -2.10 -4.08 24.01
C ARG A 216 -0.93 -3.34 23.32
N VAL A 217 0.24 -3.22 24.01
CA VAL A 217 1.44 -2.57 23.44
C VAL A 217 1.92 -3.40 22.27
N GLU A 218 2.12 -4.73 22.51
CA GLU A 218 2.54 -5.72 21.53
C GLU A 218 1.63 -5.68 20.29
N ALA A 219 0.32 -5.41 20.51
CA ALA A 219 -0.70 -5.32 19.47
C ALA A 219 -0.38 -4.17 18.52
N ILE A 220 -0.29 -2.95 19.08
CA ILE A 220 0.04 -1.69 18.40
C ILE A 220 1.39 -1.84 17.68
N GLN A 221 2.41 -2.38 18.37
CA GLN A 221 3.73 -2.60 17.78
C GLN A 221 3.58 -3.36 16.47
N ASP A 222 2.76 -4.46 16.46
CA ASP A 222 2.54 -5.30 15.30
C ASP A 222 1.97 -4.53 14.12
N THR A 223 0.96 -3.70 14.39
CA THR A 223 0.35 -2.86 13.38
C THR A 223 1.44 -1.99 12.74
N ILE A 224 2.32 -1.35 13.58
CA ILE A 224 3.40 -0.46 13.14
C ILE A 224 4.41 -1.20 12.28
N LEU A 225 4.84 -2.38 12.75
CA LEU A 225 5.82 -3.22 12.04
C LEU A 225 5.24 -3.73 10.71
N ARG A 226 3.91 -4.00 10.66
CA ARG A 226 3.22 -4.40 9.43
C ARG A 226 3.22 -3.21 8.48
N ALA A 227 2.86 -2.01 9.02
CA ALA A 227 2.83 -0.72 8.33
C ALA A 227 4.21 -0.34 7.79
N LEU A 228 5.26 -0.59 8.59
CA LEU A 228 6.64 -0.31 8.22
C LEU A 228 7.07 -1.16 7.02
N GLU A 229 6.66 -2.44 6.99
CA GLU A 229 7.03 -3.37 5.91
C GLU A 229 6.40 -3.01 4.57
N PHE A 230 5.09 -2.72 4.59
CA PHE A 230 4.32 -2.39 3.40
C PHE A 230 4.60 -0.99 2.87
N HIS A 231 5.16 -0.11 3.72
CA HIS A 231 5.56 1.23 3.34
C HIS A 231 6.95 1.16 2.71
N LEU A 232 7.84 0.32 3.27
CA LEU A 232 9.19 0.13 2.74
C LEU A 232 9.12 -0.50 1.35
N GLN A 233 8.01 -1.19 1.05
CA GLN A 233 7.79 -1.79 -0.27
C GLN A 233 7.53 -0.68 -1.28
N ALA A 234 6.51 0.15 -1.01
CA ALA A 234 6.09 1.26 -1.87
C ALA A 234 7.14 2.37 -1.99
N ASN A 235 7.92 2.64 -0.92
CA ASN A 235 8.92 3.70 -0.87
C ASN A 235 10.36 3.28 -1.24
N HIS A 236 10.72 2.00 -1.06
CA HIS A 236 12.04 1.45 -1.38
C HIS A 236 11.84 0.07 -2.06
N PRO A 237 11.32 0.01 -3.31
CA PRO A 237 11.03 -1.30 -3.92
C PRO A 237 12.24 -2.15 -4.31
N ASP A 238 13.33 -1.53 -4.76
CA ASP A 238 14.52 -2.23 -5.20
C ASP A 238 15.51 -2.50 -4.04
N ALA A 239 15.10 -2.15 -2.80
CA ALA A 239 15.89 -2.30 -1.59
C ALA A 239 15.88 -3.71 -0.99
N GLN A 240 17.01 -4.41 -1.14
CA GLN A 240 17.20 -5.78 -0.64
C GLN A 240 17.37 -5.85 0.88
N TYR A 241 16.47 -6.64 1.53
CA TYR A 241 16.45 -6.94 2.98
C TYR A 241 16.27 -5.74 3.92
N LEU A 242 15.67 -4.61 3.48
CA LEU A 242 15.54 -3.40 4.32
C LEU A 242 14.88 -3.60 5.70
N PHE A 243 13.65 -4.16 5.72
CA PHE A 243 12.87 -4.44 6.92
C PHE A 243 13.65 -5.26 7.98
N PRO A 244 14.21 -6.45 7.67
CA PRO A 244 14.98 -7.18 8.70
C PRO A 244 16.26 -6.48 9.12
N LYS A 245 16.77 -5.57 8.27
CA LYS A 245 17.98 -4.79 8.55
C LYS A 245 17.66 -3.73 9.58
N LEU A 246 16.47 -3.09 9.45
CA LEU A 246 15.96 -2.08 10.39
C LEU A 246 15.60 -2.72 11.71
N LEU A 247 15.12 -3.99 11.68
CA LEU A 247 14.80 -4.79 12.87
C LEU A 247 16.09 -5.08 13.64
N GLN A 248 17.22 -5.20 12.92
CA GLN A 248 18.52 -5.39 13.55
C GLN A 248 19.03 -4.06 14.11
N LYS A 249 18.78 -2.94 13.36
CA LYS A 249 19.20 -1.60 13.80
C LYS A 249 18.49 -1.24 15.11
N MET A 250 17.25 -1.74 15.27
CA MET A 250 16.43 -1.57 16.46
C MET A 250 17.10 -2.22 17.67
N ALA A 251 17.67 -3.42 17.46
CA ALA A 251 18.42 -4.18 18.45
C ALA A 251 19.74 -3.48 18.78
N ASP A 252 20.49 -3.02 17.74
CA ASP A 252 21.77 -2.32 17.90
C ASP A 252 21.61 -1.08 18.75
N LEU A 253 20.50 -0.34 18.51
CA LEU A 253 20.09 0.87 19.23
C LEU A 253 19.88 0.54 20.69
N ARG A 254 19.34 -0.65 21.02
CA ARG A 254 19.13 -1.10 22.39
C ARG A 254 20.46 -1.20 23.16
N GLN A 255 21.52 -1.65 22.47
CA GLN A 255 22.88 -1.80 23.03
C GLN A 255 23.57 -0.43 23.27
N LEU A 256 23.47 0.46 22.28
CA LEU A 256 24.02 1.81 22.26
C LEU A 256 23.51 2.62 23.43
N VAL A 257 22.22 2.41 23.80
CA VAL A 257 21.55 3.06 24.92
C VAL A 257 22.02 2.45 26.24
N THR A 258 22.22 1.09 26.29
CA THR A 258 22.75 0.39 27.47
C THR A 258 24.11 1.01 27.78
N GLU A 259 24.98 1.09 26.73
CA GLU A 259 26.30 1.70 26.77
C GLU A 259 26.19 3.16 27.25
N HIS A 260 25.22 3.95 26.70
CA HIS A 260 24.98 5.35 27.04
C HIS A 260 24.59 5.58 28.52
N ALA A 261 23.63 4.78 29.04
CA ALA A 261 23.18 4.90 30.43
C ALA A 261 24.38 4.65 31.32
N GLN A 262 25.16 3.59 31.02
CA GLN A 262 26.39 3.24 31.73
C GLN A 262 27.38 4.45 31.82
N MET A 263 27.56 5.19 30.70
CA MET A 263 28.44 6.35 30.68
C MET A 263 27.94 7.45 31.59
N MET A 264 26.62 7.74 31.53
CA MET A 264 26.04 8.83 32.31
C MET A 264 26.02 8.53 33.81
N GLN A 265 26.03 7.23 34.16
CA GLN A 265 26.11 6.74 35.52
C GLN A 265 27.52 7.09 36.09
N ARG A 266 28.59 6.85 35.29
CA ARG A 266 29.98 7.20 35.60
C ARG A 266 30.11 8.73 35.73
N ILE A 267 29.46 9.50 34.82
CA ILE A 267 29.49 10.97 34.87
C ILE A 267 28.80 11.47 36.15
N LYS A 268 27.71 10.81 36.59
CA LYS A 268 26.96 11.14 37.80
C LYS A 268 27.83 11.06 39.07
N LYS A 269 28.72 10.04 39.16
CA LYS A 269 29.62 9.84 40.31
C LYS A 269 30.88 10.69 40.21
N THR A 270 31.62 10.57 39.09
CA THR A 270 32.88 11.27 38.78
C THR A 270 32.72 12.80 38.75
N GLU A 271 31.81 13.30 37.91
CA GLU A 271 31.57 14.73 37.75
C GLU A 271 30.43 15.17 38.67
N THR A 272 30.77 15.41 39.95
CA THR A 272 29.83 15.80 41.00
C THR A 272 29.33 17.25 40.86
N GLU A 273 30.17 18.11 40.28
CA GLU A 273 29.87 19.53 40.04
C GLU A 273 28.94 19.77 38.81
N THR A 274 28.90 18.81 37.85
CA THR A 274 28.05 18.90 36.64
C THR A 274 26.62 18.46 36.97
N SER A 275 25.65 19.31 36.61
CA SER A 275 24.23 19.08 36.89
C SER A 275 23.49 18.27 35.84
N LEU A 276 23.08 17.04 36.20
CA LEU A 276 22.31 16.17 35.34
C LEU A 276 20.83 16.49 35.49
N HIS A 277 20.18 16.76 34.36
CA HIS A 277 18.76 17.07 34.34
C HIS A 277 17.96 15.90 34.96
N PRO A 278 17.14 16.20 35.99
CA PRO A 278 16.36 15.13 36.67
C PRO A 278 15.53 14.18 35.80
N LEU A 279 14.99 14.66 34.66
CA LEU A 279 14.22 13.85 33.72
C LEU A 279 15.11 12.76 33.11
N LEU A 280 16.30 13.15 32.62
CA LEU A 280 17.29 12.25 32.03
C LEU A 280 17.85 11.38 33.12
N GLN A 281 18.09 11.99 34.32
CA GLN A 281 18.58 11.33 35.53
C GLN A 281 17.65 10.16 35.87
N GLU A 282 16.32 10.36 35.71
CA GLU A 282 15.29 9.35 35.93
C GLU A 282 15.28 8.29 34.83
N ILE A 283 15.63 8.66 33.58
CA ILE A 283 15.68 7.72 32.47
C ILE A 283 16.82 6.72 32.71
N TYR A 284 18.02 7.21 33.09
CA TYR A 284 19.17 6.34 33.32
C TYR A 284 19.08 5.61 34.65
N LYS A 285 18.10 6.00 35.51
CA LYS A 285 17.90 5.47 36.88
C LYS A 285 18.06 3.93 37.00
N ASP A 286 17.06 3.17 36.51
CA ASP A 286 17.15 1.72 36.60
C ASP A 286 17.26 1.05 35.22
N MET A 287 18.41 1.34 34.57
CA MET A 287 18.80 0.90 33.25
C MET A 287 20.04 0.00 33.30
N ASP B 21 -18.20 -39.55 -13.79
CA ASP B 21 -17.55 -39.28 -15.07
C ASP B 21 -17.59 -37.77 -15.37
N LEU B 22 -18.81 -37.19 -15.27
CA LEU B 22 -19.07 -35.77 -15.43
C LEU B 22 -18.46 -34.98 -14.26
N LYS B 23 -18.14 -35.68 -13.14
CA LYS B 23 -17.49 -35.13 -11.92
C LYS B 23 -16.05 -34.76 -12.29
N ALA B 24 -15.42 -35.61 -13.12
CA ALA B 24 -14.05 -35.45 -13.62
C ALA B 24 -14.03 -34.30 -14.63
N PHE B 25 -15.05 -34.26 -15.52
CA PHE B 25 -15.24 -33.24 -16.54
C PHE B 25 -15.40 -31.87 -15.86
N SER B 26 -16.30 -31.77 -14.84
CA SER B 26 -16.54 -30.54 -14.07
C SER B 26 -15.27 -30.07 -13.39
N LYS B 27 -14.54 -30.99 -12.72
CA LYS B 27 -13.29 -30.70 -12.03
C LYS B 27 -12.28 -30.07 -13.01
N HIS B 28 -12.13 -30.67 -14.21
CA HIS B 28 -11.23 -30.16 -15.24
C HIS B 28 -11.56 -28.73 -15.68
N ILE B 29 -12.85 -28.41 -15.93
CA ILE B 29 -13.29 -27.05 -16.33
C ILE B 29 -13.01 -26.07 -15.17
N TYR B 30 -13.25 -26.50 -13.89
CA TYR B 30 -12.98 -25.67 -12.72
C TYR B 30 -11.49 -25.36 -12.61
N ASN B 31 -10.64 -26.36 -12.84
CA ASN B 31 -9.18 -26.18 -12.83
C ASN B 31 -8.75 -25.25 -13.98
N ALA B 32 -9.42 -25.32 -15.16
CA ALA B 32 -9.18 -24.45 -16.32
C ALA B 32 -9.63 -22.98 -16.08
N TYR B 33 -10.68 -22.80 -15.27
CA TYR B 33 -11.20 -21.50 -14.85
C TYR B 33 -10.18 -20.87 -13.87
N LEU B 34 -9.96 -21.53 -12.70
CA LEU B 34 -9.01 -21.10 -11.66
C LEU B 34 -7.63 -20.80 -12.24
N LYS B 35 -7.13 -21.71 -13.11
CA LYS B 35 -5.84 -21.60 -13.77
C LYS B 35 -5.76 -20.40 -14.72
N ASN B 36 -6.90 -19.97 -15.32
CA ASN B 36 -6.88 -18.89 -16.32
C ASN B 36 -7.45 -17.49 -15.99
N PHE B 37 -8.18 -17.31 -14.86
CA PHE B 37 -8.72 -15.98 -14.52
C PHE B 37 -8.04 -15.24 -13.36
N ASN B 38 -7.85 -13.90 -13.50
CA ASN B 38 -7.27 -13.04 -12.46
C ASN B 38 -8.21 -12.90 -11.24
N MET B 39 -9.53 -13.02 -11.46
CA MET B 39 -10.46 -12.90 -10.35
C MET B 39 -11.66 -13.82 -10.30
N THR B 40 -11.64 -14.64 -9.24
CA THR B 40 -12.71 -15.55 -8.86
C THR B 40 -13.85 -14.72 -8.22
N LYS B 41 -15.09 -15.24 -8.22
CA LYS B 41 -16.19 -14.53 -7.56
C LYS B 41 -15.88 -14.56 -6.05
N LYS B 42 -15.17 -15.61 -5.57
CA LYS B 42 -14.74 -15.80 -4.18
C LYS B 42 -13.91 -14.58 -3.73
N LYS B 43 -12.76 -14.33 -4.41
CA LYS B 43 -11.86 -13.20 -4.15
C LYS B 43 -12.61 -11.86 -4.21
N ALA B 44 -13.39 -11.64 -5.31
CA ALA B 44 -14.17 -10.44 -5.57
C ALA B 44 -15.21 -10.18 -4.46
N ARG B 45 -15.99 -11.22 -4.09
CA ARG B 45 -17.03 -11.14 -3.07
C ARG B 45 -16.49 -10.88 -1.67
N SER B 46 -15.23 -11.28 -1.39
CA SER B 46 -14.56 -10.97 -0.11
C SER B 46 -14.27 -9.45 -0.09
N ILE B 47 -13.53 -8.93 -1.12
CA ILE B 47 -13.16 -7.52 -1.28
C ILE B 47 -14.36 -6.56 -1.15
N LEU B 48 -15.49 -6.88 -1.82
CA LEU B 48 -16.73 -6.09 -1.80
C LEU B 48 -17.48 -6.21 -0.46
N THR B 49 -16.99 -7.07 0.46
CA THR B 49 -17.63 -7.27 1.77
C THR B 49 -16.73 -6.82 2.92
N GLY B 50 -15.54 -7.42 3.03
CA GLY B 50 -14.57 -7.12 4.07
C GLY B 50 -13.69 -8.30 4.48
N LYS B 51 -12.44 -7.96 4.90
CA LYS B 51 -11.36 -8.86 5.32
C LYS B 51 -10.95 -9.83 4.21
N ALA B 56 -9.14 -3.01 1.50
CA ALA B 56 -10.21 -2.11 1.09
C ALA B 56 -9.87 -1.35 -0.21
N PRO B 57 -10.83 -1.22 -1.17
CA PRO B 57 -10.51 -0.54 -2.43
C PRO B 57 -10.75 0.97 -2.43
N PHE B 58 -9.98 1.68 -3.28
CA PHE B 58 -10.11 3.12 -3.42
C PHE B 58 -11.19 3.46 -4.39
N VAL B 59 -12.28 3.98 -3.84
CA VAL B 59 -13.51 4.40 -4.53
C VAL B 59 -13.32 5.57 -5.52
N ILE B 60 -13.62 5.32 -6.82
CA ILE B 60 -13.56 6.32 -7.91
C ILE B 60 -14.99 6.80 -8.18
N HIS B 61 -15.27 8.07 -7.88
CA HIS B 61 -16.63 8.62 -8.05
C HIS B 61 -16.71 9.98 -8.73
N ASP B 62 -15.57 10.62 -8.94
CA ASP B 62 -15.49 11.93 -9.61
C ASP B 62 -14.17 12.09 -10.36
N ILE B 63 -13.93 13.28 -10.96
CA ILE B 63 -12.70 13.54 -11.74
C ILE B 63 -11.46 13.51 -10.85
N GLU B 64 -11.56 14.14 -9.65
CA GLU B 64 -10.49 14.20 -8.65
C GLU B 64 -10.03 12.79 -8.26
N THR B 65 -10.99 11.90 -7.87
CA THR B 65 -10.76 10.51 -7.48
C THR B 65 -10.22 9.65 -8.63
N LEU B 66 -10.63 9.90 -9.89
CA LEU B 66 -10.14 9.19 -11.07
C LEU B 66 -8.66 9.56 -11.27
N TRP B 67 -8.32 10.86 -11.13
CA TRP B 67 -6.95 11.38 -11.25
C TRP B 67 -6.08 10.78 -10.15
N GLN B 68 -6.64 10.71 -8.93
CA GLN B 68 -6.05 10.14 -7.72
C GLN B 68 -5.74 8.66 -7.98
N ALA B 69 -6.73 7.92 -8.54
CA ALA B 69 -6.56 6.52 -8.88
C ALA B 69 -5.51 6.39 -9.96
N GLU B 70 -5.57 7.27 -10.97
CA GLU B 70 -4.63 7.29 -12.07
C GLU B 70 -3.18 7.42 -11.57
N LYS B 71 -2.97 8.26 -10.54
CA LYS B 71 -1.66 8.50 -9.91
C LYS B 71 -1.11 7.26 -9.14
N GLY B 72 -1.81 6.83 -8.08
CA GLY B 72 -1.37 5.72 -7.24
C GLY B 72 -2.40 4.67 -6.87
N LEU B 73 -2.73 3.80 -7.83
CA LEU B 73 -3.66 2.66 -7.76
C LEU B 73 -3.20 1.68 -8.86
N VAL B 74 -2.72 0.51 -8.44
CA VAL B 74 -2.10 -0.55 -9.25
C VAL B 74 -2.93 -1.11 -10.44
N TRP B 75 -2.75 -0.52 -11.65
CA TRP B 75 -3.40 -0.99 -12.87
C TRP B 75 -2.41 -1.95 -13.56
N LYS B 76 -2.90 -3.13 -14.05
CA LYS B 76 -2.07 -4.13 -14.77
C LYS B 76 -1.59 -3.57 -16.12
N GLN B 77 -2.45 -2.75 -16.77
CA GLN B 77 -2.19 -2.04 -18.03
C GLN B 77 -2.00 -0.55 -17.65
N LEU B 78 -0.77 -0.05 -17.77
CA LEU B 78 -0.38 1.32 -17.42
C LEU B 78 -0.97 2.40 -18.34
N VAL B 79 -1.11 3.63 -17.82
CA VAL B 79 -1.65 4.81 -18.51
C VAL B 79 -0.90 5.19 -19.82
N ASN B 80 0.43 4.95 -19.85
CA ASN B 80 1.29 5.21 -21.00
C ASN B 80 0.93 4.32 -22.21
N GLY B 81 0.35 3.14 -21.92
CA GLY B 81 -0.07 2.14 -22.92
C GLY B 81 -1.51 2.23 -23.40
N LEU B 82 -2.21 3.31 -23.04
CA LEU B 82 -3.59 3.58 -23.43
C LEU B 82 -3.61 4.42 -24.72
N PRO B 83 -4.74 4.48 -25.51
CA PRO B 83 -4.76 5.35 -26.69
C PRO B 83 -4.54 6.82 -26.33
N PRO B 84 -4.14 7.73 -27.27
CA PRO B 84 -3.88 9.13 -26.87
C PRO B 84 -5.07 9.78 -26.17
N TYR B 85 -4.84 10.29 -24.94
CA TYR B 85 -5.89 10.91 -24.13
C TYR B 85 -6.65 11.97 -24.91
N LYS B 86 -7.99 11.97 -24.77
CA LYS B 86 -8.87 12.94 -25.43
C LYS B 86 -9.69 13.70 -24.38
N GLU B 87 -10.52 12.98 -23.61
CA GLU B 87 -11.37 13.52 -22.54
C GLU B 87 -11.69 12.44 -21.48
N ILE B 88 -12.36 12.86 -20.40
CA ILE B 88 -12.71 12.03 -19.25
C ILE B 88 -13.59 10.83 -19.55
N SER B 89 -14.72 11.07 -20.27
CA SER B 89 -15.68 10.04 -20.68
C SER B 89 -15.02 9.03 -21.59
N VAL B 90 -13.99 9.47 -22.33
CA VAL B 90 -13.23 8.66 -23.25
C VAL B 90 -12.10 7.89 -22.56
N HIS B 91 -11.45 8.49 -21.56
CA HIS B 91 -10.39 7.85 -20.79
C HIS B 91 -10.93 6.64 -20.03
N VAL B 92 -12.12 6.81 -19.37
CA VAL B 92 -12.86 5.78 -18.62
C VAL B 92 -13.11 4.61 -19.58
N PHE B 93 -13.62 4.95 -20.77
CA PHE B 93 -13.92 4.05 -21.86
C PHE B 93 -12.71 3.22 -22.31
N TYR B 94 -11.53 3.89 -22.49
CA TYR B 94 -10.29 3.25 -22.91
C TYR B 94 -9.77 2.26 -21.88
N ARG B 95 -9.94 2.57 -20.57
CA ARG B 95 -9.53 1.74 -19.43
C ARG B 95 -10.38 0.50 -19.40
N CYS B 96 -11.70 0.66 -19.66
CA CYS B 96 -12.67 -0.41 -19.73
C CYS B 96 -12.37 -1.36 -20.93
N GLN B 97 -12.04 -0.76 -22.09
CA GLN B 97 -11.68 -1.42 -23.34
C GLN B 97 -10.48 -2.35 -23.13
N CYS B 98 -9.50 -1.90 -22.33
CA CYS B 98 -8.29 -2.63 -21.97
C CYS B 98 -8.65 -3.88 -21.21
N THR B 99 -9.47 -3.75 -20.13
CA THR B 99 -9.92 -4.89 -19.31
C THR B 99 -10.66 -5.91 -20.15
N THR B 100 -11.53 -5.44 -21.09
CA THR B 100 -12.30 -6.25 -22.03
C THR B 100 -11.34 -7.01 -22.96
N VAL B 101 -10.26 -6.33 -23.41
CA VAL B 101 -9.27 -6.94 -24.29
C VAL B 101 -8.48 -8.03 -23.55
N GLU B 102 -8.24 -7.81 -22.25
CA GLU B 102 -7.53 -8.73 -21.38
C GLU B 102 -8.43 -9.90 -21.02
N THR B 103 -9.74 -9.65 -20.82
CA THR B 103 -10.70 -10.70 -20.43
C THR B 103 -10.90 -11.65 -21.58
N VAL B 104 -10.89 -11.11 -22.82
CA VAL B 104 -11.03 -11.90 -24.04
C VAL B 104 -9.83 -12.90 -24.09
N ARG B 105 -8.60 -12.40 -23.84
CA ARG B 105 -7.35 -13.15 -23.79
C ARG B 105 -7.37 -14.28 -22.70
N GLU B 106 -7.98 -14.02 -21.53
CA GLU B 106 -8.14 -15.02 -20.46
C GLU B 106 -9.12 -16.10 -20.93
N LEU B 107 -10.27 -15.66 -21.51
CA LEU B 107 -11.35 -16.51 -22.04
C LEU B 107 -10.89 -17.43 -23.15
N THR B 108 -9.96 -16.96 -24.01
CA THR B 108 -9.34 -17.72 -25.10
C THR B 108 -8.47 -18.83 -24.46
N GLU B 109 -7.66 -18.46 -23.46
CA GLU B 109 -6.81 -19.38 -22.72
C GLU B 109 -7.59 -20.41 -21.92
N PHE B 110 -8.76 -20.02 -21.39
CA PHE B 110 -9.71 -20.87 -20.66
C PHE B 110 -10.34 -21.89 -21.66
N ALA B 111 -10.72 -21.40 -22.86
CA ALA B 111 -11.35 -22.21 -23.89
C ALA B 111 -10.37 -23.27 -24.35
N LYS B 112 -9.15 -22.86 -24.74
CA LYS B 112 -8.05 -23.76 -25.15
C LYS B 112 -7.78 -24.82 -24.07
N SER B 113 -7.85 -24.44 -22.76
CA SER B 113 -7.64 -25.33 -21.61
C SER B 113 -8.57 -26.54 -21.59
N ILE B 114 -9.76 -26.43 -22.23
CA ILE B 114 -10.67 -27.56 -22.43
C ILE B 114 -10.07 -28.34 -23.64
N PRO B 115 -9.60 -29.61 -23.47
CA PRO B 115 -8.98 -30.34 -24.61
C PRO B 115 -9.93 -30.69 -25.79
N SER B 116 -11.27 -30.80 -25.52
CA SER B 116 -12.33 -31.08 -26.50
C SER B 116 -12.49 -29.86 -27.44
N PHE B 117 -12.38 -28.64 -26.88
CA PHE B 117 -12.44 -27.36 -27.59
C PHE B 117 -11.20 -27.24 -28.47
N SER B 118 -10.00 -27.37 -27.87
CA SER B 118 -8.74 -27.31 -28.59
C SER B 118 -8.52 -28.67 -29.30
N SER B 119 -9.36 -28.93 -30.32
CA SER B 119 -9.42 -30.14 -31.14
C SER B 119 -10.15 -29.78 -32.43
N LEU B 120 -11.03 -28.76 -32.36
CA LEU B 120 -11.79 -28.16 -33.46
C LEU B 120 -10.81 -27.35 -34.30
N PHE B 121 -11.15 -27.09 -35.59
CA PHE B 121 -10.27 -26.30 -36.46
C PHE B 121 -10.07 -24.90 -35.89
N LEU B 122 -8.88 -24.32 -36.04
CA LEU B 122 -8.60 -23.01 -35.46
C LEU B 122 -9.64 -21.91 -35.79
N ASN B 123 -10.30 -21.99 -36.96
CA ASN B 123 -11.33 -21.02 -37.35
C ASN B 123 -12.66 -21.29 -36.66
N ASP B 124 -12.96 -22.57 -36.35
CA ASP B 124 -14.16 -22.93 -35.61
C ASP B 124 -14.05 -22.45 -34.17
N GLN B 125 -12.81 -22.44 -33.63
CA GLN B 125 -12.47 -21.96 -32.30
C GLN B 125 -12.67 -20.46 -32.28
N VAL B 126 -12.11 -19.76 -33.27
CA VAL B 126 -12.25 -18.31 -33.44
C VAL B 126 -13.74 -17.91 -33.57
N THR B 127 -14.56 -18.70 -34.30
CA THR B 127 -16.00 -18.42 -34.46
C THR B 127 -16.71 -18.40 -33.07
N LEU B 128 -16.48 -19.48 -32.26
CA LEU B 128 -17.07 -19.64 -30.94
C LEU B 128 -16.65 -18.50 -30.02
N LEU B 129 -15.35 -18.12 -30.04
CA LEU B 129 -14.84 -17.03 -29.23
C LEU B 129 -15.37 -15.71 -29.70
N LYS B 130 -15.28 -15.41 -31.03
CA LYS B 130 -15.81 -14.19 -31.69
C LYS B 130 -17.24 -13.84 -31.19
N TYR B 131 -18.17 -14.84 -31.16
CA TYR B 131 -19.57 -14.65 -30.73
C TYR B 131 -19.94 -14.91 -29.25
N GLY B 132 -19.17 -15.77 -28.57
CA GLY B 132 -19.40 -16.17 -27.18
C GLY B 132 -18.72 -15.34 -26.10
N VAL B 133 -17.56 -14.75 -26.43
CA VAL B 133 -16.72 -13.94 -25.55
C VAL B 133 -17.46 -12.80 -24.80
N HIS B 134 -18.31 -12.01 -25.49
CA HIS B 134 -19.05 -10.91 -24.87
C HIS B 134 -20.11 -11.37 -23.94
N GLU B 135 -20.72 -12.54 -24.24
CA GLU B 135 -21.75 -13.16 -23.38
C GLU B 135 -21.06 -13.54 -22.07
N ALA B 136 -19.94 -14.26 -22.17
CA ALA B 136 -19.13 -14.74 -21.07
C ALA B 136 -18.65 -13.58 -20.20
N ILE B 137 -18.14 -12.51 -20.83
CA ILE B 137 -17.63 -11.30 -20.15
C ILE B 137 -18.68 -10.70 -19.22
N PHE B 138 -19.93 -10.59 -19.72
CA PHE B 138 -21.06 -10.05 -18.99
C PHE B 138 -21.52 -10.96 -17.82
N ALA B 139 -21.46 -12.30 -18.00
CA ALA B 139 -21.78 -13.25 -16.92
C ALA B 139 -20.73 -13.13 -15.79
N MET B 140 -19.45 -12.98 -16.18
CA MET B 140 -18.34 -12.81 -15.26
C MET B 140 -18.35 -11.41 -14.64
N LEU B 141 -18.98 -10.45 -15.31
CA LEU B 141 -19.02 -9.10 -14.80
C LEU B 141 -19.81 -9.04 -13.46
N ALA B 142 -20.85 -9.88 -13.33
CA ALA B 142 -21.71 -9.97 -12.14
C ALA B 142 -20.92 -10.35 -10.87
N SER B 143 -19.78 -11.05 -11.02
CA SER B 143 -18.92 -11.49 -9.93
C SER B 143 -18.23 -10.30 -9.24
N ILE B 144 -17.79 -9.29 -10.04
CA ILE B 144 -17.10 -8.07 -9.57
C ILE B 144 -18.05 -6.86 -9.41
N VAL B 145 -19.36 -7.11 -9.47
CA VAL B 145 -20.40 -6.09 -9.38
C VAL B 145 -21.25 -6.24 -8.09
N ASN B 146 -21.82 -5.10 -7.64
CA ASN B 146 -22.83 -4.90 -6.59
C ASN B 146 -23.70 -3.71 -7.07
N LYS B 147 -24.91 -3.55 -6.50
CA LYS B 147 -25.85 -2.50 -6.91
C LYS B 147 -25.27 -1.12 -7.10
N ASP B 148 -24.24 -0.73 -6.30
CA ASP B 148 -23.59 0.59 -6.28
C ASP B 148 -22.34 0.80 -7.16
N GLY B 149 -21.78 -0.27 -7.70
CA GLY B 149 -20.60 -0.16 -8.54
C GLY B 149 -19.87 -1.45 -8.84
N LEU B 150 -18.66 -1.33 -9.40
CA LEU B 150 -17.84 -2.47 -9.79
C LEU B 150 -16.37 -2.37 -9.38
N LEU B 151 -15.74 -3.53 -9.19
CA LEU B 151 -14.32 -3.59 -8.86
C LEU B 151 -13.48 -3.34 -10.11
N VAL B 152 -12.33 -2.67 -9.92
CA VAL B 152 -11.36 -2.36 -10.98
C VAL B 152 -9.94 -2.64 -10.47
N ALA B 153 -8.98 -2.84 -11.41
CA ALA B 153 -7.54 -3.05 -11.17
C ALA B 153 -7.26 -4.14 -10.14
N ASN B 154 -7.73 -5.37 -10.42
CA ASN B 154 -7.60 -6.53 -9.52
C ASN B 154 -8.13 -6.22 -8.10
N GLY B 155 -9.25 -5.52 -8.02
CA GLY B 155 -9.89 -5.14 -6.77
C GLY B 155 -9.23 -4.00 -6.02
N SER B 156 -8.17 -3.37 -6.60
CA SER B 156 -7.44 -2.22 -6.02
C SER B 156 -8.40 -1.06 -5.79
N GLY B 157 -9.29 -0.84 -6.76
CA GLY B 157 -10.28 0.23 -6.77
C GLY B 157 -11.70 -0.23 -7.03
N PHE B 158 -12.64 0.66 -6.75
CA PHE B 158 -14.05 0.39 -6.90
C PHE B 158 -14.68 1.58 -7.59
N VAL B 159 -15.14 1.41 -8.85
CA VAL B 159 -15.78 2.50 -9.59
C VAL B 159 -17.27 2.54 -9.25
N THR B 160 -17.81 3.74 -8.95
CA THR B 160 -19.22 3.90 -8.62
C THR B 160 -20.09 3.94 -9.88
N ARG B 161 -21.33 3.48 -9.74
CA ARG B 161 -22.31 3.43 -10.82
C ARG B 161 -22.79 4.86 -11.17
N GLU B 162 -22.99 5.72 -10.14
CA GLU B 162 -23.41 7.12 -10.28
C GLU B 162 -22.37 7.93 -11.03
N PHE B 163 -21.06 7.64 -10.83
CA PHE B 163 -19.98 8.30 -11.56
C PHE B 163 -20.11 7.98 -13.04
N LEU B 164 -20.35 6.72 -13.38
CA LEU B 164 -20.47 6.26 -14.75
C LEU B 164 -21.70 6.83 -15.42
N ARG B 165 -22.80 7.02 -14.64
CA ARG B 165 -24.04 7.64 -15.10
C ARG B 165 -23.80 9.13 -15.39
N SER B 166 -22.86 9.76 -14.63
CA SER B 166 -22.50 11.17 -14.72
C SER B 166 -21.64 11.50 -15.91
N LEU B 167 -21.13 10.49 -16.62
CA LEU B 167 -20.35 10.73 -17.82
C LEU B 167 -21.27 11.14 -18.97
N ARG B 168 -20.71 11.66 -20.06
CA ARG B 168 -21.50 12.11 -21.19
C ARG B 168 -22.06 10.99 -22.03
N LYS B 169 -23.21 11.24 -22.67
CA LYS B 169 -23.81 10.28 -23.58
C LYS B 169 -22.91 10.26 -24.83
N PRO B 170 -22.70 9.11 -25.49
CA PRO B 170 -23.33 7.80 -25.29
C PRO B 170 -22.78 6.98 -24.13
N PHE B 171 -21.56 7.32 -23.66
CA PHE B 171 -20.79 6.62 -22.60
C PHE B 171 -21.50 6.32 -21.28
N SER B 172 -22.40 7.23 -20.83
CA SER B 172 -23.19 7.01 -19.61
C SER B 172 -24.23 5.88 -19.78
N ASP B 173 -24.67 5.61 -21.03
CA ASP B 173 -25.65 4.57 -21.38
C ASP B 173 -25.11 3.15 -21.56
N ILE B 174 -23.78 2.97 -21.79
CA ILE B 174 -23.16 1.66 -22.03
C ILE B 174 -23.37 0.63 -20.92
N ILE B 175 -22.79 0.88 -19.73
CA ILE B 175 -22.79 -0.04 -18.59
C ILE B 175 -24.14 -0.23 -17.89
N GLU B 176 -25.18 0.57 -18.22
CA GLU B 176 -26.44 0.37 -17.50
C GLU B 176 -27.19 -1.01 -17.64
N PRO B 177 -27.41 -1.59 -18.87
CA PRO B 177 -28.10 -2.89 -18.95
C PRO B 177 -27.30 -4.04 -18.32
N LYS B 178 -25.98 -3.88 -18.26
CA LYS B 178 -25.07 -4.84 -17.68
C LYS B 178 -25.36 -4.91 -16.18
N PHE B 179 -25.45 -3.75 -15.50
CA PHE B 179 -25.76 -3.64 -14.07
C PHE B 179 -27.11 -4.23 -13.73
N GLU B 180 -28.16 -3.91 -14.53
CA GLU B 180 -29.54 -4.40 -14.36
C GLU B 180 -29.52 -5.94 -14.29
N PHE B 181 -28.80 -6.56 -15.27
CA PHE B 181 -28.60 -7.98 -15.43
C PHE B 181 -27.83 -8.57 -14.23
N ALA B 182 -26.63 -8.02 -13.97
CA ALA B 182 -25.69 -8.47 -12.95
C ALA B 182 -26.30 -8.68 -11.59
N VAL B 183 -27.13 -7.73 -11.15
CA VAL B 183 -27.88 -7.73 -9.88
C VAL B 183 -28.88 -8.94 -9.85
N LYS B 184 -29.69 -9.12 -10.93
CA LYS B 184 -30.64 -10.23 -11.10
C LYS B 184 -29.90 -11.56 -11.12
N PHE B 185 -28.79 -11.64 -11.87
CA PHE B 185 -27.94 -12.83 -12.01
C PHE B 185 -27.27 -13.25 -10.66
N ASN B 186 -26.94 -12.25 -9.82
CA ASN B 186 -26.28 -12.49 -8.54
C ASN B 186 -27.20 -13.07 -7.48
N ALA B 187 -28.53 -12.93 -7.70
CA ALA B 187 -29.58 -13.47 -6.84
C ALA B 187 -29.55 -15.00 -6.80
N LEU B 188 -29.12 -15.63 -7.90
CA LEU B 188 -28.97 -17.07 -8.06
C LEU B 188 -27.87 -17.61 -7.13
N GLU B 189 -27.05 -16.71 -6.56
CA GLU B 189 -25.95 -17.00 -5.66
C GLU B 189 -25.01 -18.13 -6.14
N LEU B 190 -24.40 -17.98 -7.34
CA LEU B 190 -23.53 -19.03 -7.89
C LEU B 190 -22.09 -18.92 -7.41
N ASP B 191 -21.38 -20.05 -7.37
CA ASP B 191 -19.98 -20.05 -6.98
C ASP B 191 -19.08 -20.17 -8.21
N ASP B 192 -17.75 -20.17 -8.00
CA ASP B 192 -16.79 -20.29 -9.09
C ASP B 192 -16.87 -21.60 -9.84
N SER B 193 -17.22 -22.70 -9.15
CA SER B 193 -17.37 -24.02 -9.77
C SER B 193 -18.60 -24.09 -10.68
N ASP B 194 -19.60 -23.20 -10.45
CA ASP B 194 -20.80 -23.13 -11.27
C ASP B 194 -20.50 -22.30 -12.51
N LEU B 195 -19.72 -21.21 -12.32
CA LEU B 195 -19.37 -20.30 -13.40
C LEU B 195 -18.49 -20.94 -14.45
N ALA B 196 -17.49 -21.76 -14.05
CA ALA B 196 -16.60 -22.48 -14.98
C ALA B 196 -17.45 -23.28 -15.96
N LEU B 197 -18.47 -24.01 -15.45
CA LEU B 197 -19.38 -24.77 -16.31
C LEU B 197 -20.31 -23.87 -17.12
N PHE B 198 -20.86 -22.81 -16.49
CA PHE B 198 -21.71 -21.84 -17.19
C PHE B 198 -20.98 -21.19 -18.39
N ILE B 199 -19.75 -20.68 -18.19
CA ILE B 199 -18.92 -20.05 -19.23
C ILE B 199 -18.63 -21.04 -20.36
N ALA B 200 -18.30 -22.29 -20.01
CA ALA B 200 -17.99 -23.34 -20.97
C ALA B 200 -19.16 -23.58 -21.92
N ALA B 201 -20.39 -23.65 -21.34
CA ALA B 201 -21.67 -23.80 -22.05
C ALA B 201 -21.94 -22.59 -23.00
N ILE B 202 -21.51 -21.38 -22.58
CA ILE B 202 -21.65 -20.15 -23.36
C ILE B 202 -20.73 -20.16 -24.58
N ILE B 203 -19.45 -20.53 -24.40
CA ILE B 203 -18.48 -20.54 -25.51
C ILE B 203 -18.89 -21.58 -26.56
N LEU B 204 -19.04 -22.86 -26.11
CA LEU B 204 -19.37 -24.00 -26.97
C LEU B 204 -20.84 -24.03 -27.28
N CYS B 205 -21.23 -23.26 -28.30
CA CYS B 205 -22.60 -23.05 -28.74
C CYS B 205 -22.67 -23.31 -30.26
N GLY B 206 -23.55 -24.23 -30.68
CA GLY B 206 -23.72 -24.60 -32.08
C GLY B 206 -24.40 -23.57 -32.96
N ASP B 207 -25.24 -22.68 -32.35
CA ASP B 207 -25.99 -21.62 -33.02
C ASP B 207 -25.10 -20.50 -33.59
N ARG B 208 -23.76 -20.62 -33.49
CA ARG B 208 -22.86 -19.58 -34.02
C ARG B 208 -22.71 -19.65 -35.53
N PRO B 209 -22.91 -18.49 -36.22
CA PRO B 209 -22.75 -18.47 -37.68
C PRO B 209 -21.30 -18.66 -38.13
N GLY B 210 -21.12 -19.45 -39.20
CA GLY B 210 -19.81 -19.73 -39.78
C GLY B 210 -19.09 -20.89 -39.14
N LEU B 211 -19.84 -21.70 -38.41
CA LEU B 211 -19.28 -22.87 -37.77
C LEU B 211 -19.20 -23.94 -38.83
N MET B 212 -18.10 -24.68 -38.88
CA MET B 212 -17.88 -25.74 -39.85
C MET B 212 -18.44 -27.06 -39.36
N ASN B 213 -17.94 -27.50 -38.19
CA ASN B 213 -18.29 -28.76 -37.54
C ASN B 213 -19.30 -28.54 -36.38
N VAL B 214 -20.51 -28.10 -36.74
CA VAL B 214 -21.59 -27.87 -35.79
C VAL B 214 -21.98 -29.12 -34.98
N PRO B 215 -22.10 -30.36 -35.56
CA PRO B 215 -22.36 -31.54 -34.72
C PRO B 215 -21.33 -31.77 -33.60
N ARG B 216 -20.02 -31.59 -33.89
CA ARG B 216 -18.95 -31.71 -32.91
C ARG B 216 -19.07 -30.69 -31.79
N VAL B 217 -19.41 -29.40 -32.13
CA VAL B 217 -19.59 -28.32 -31.14
C VAL B 217 -20.81 -28.68 -30.28
N GLU B 218 -21.95 -28.96 -30.94
CA GLU B 218 -23.21 -29.36 -30.32
C GLU B 218 -23.00 -30.54 -29.37
N ALA B 219 -22.07 -31.46 -29.73
CA ALA B 219 -21.72 -32.64 -28.95
C ALA B 219 -21.14 -32.22 -27.61
N ILE B 220 -20.02 -31.45 -27.65
CA ILE B 220 -19.30 -30.89 -26.51
C ILE B 220 -20.25 -30.08 -25.64
N GLN B 221 -21.06 -29.19 -26.25
CA GLN B 221 -22.05 -28.38 -25.53
C GLN B 221 -22.91 -29.26 -24.65
N ASP B 222 -23.42 -30.40 -25.22
CA ASP B 222 -24.28 -31.34 -24.50
C ASP B 222 -23.61 -31.93 -23.26
N THR B 223 -22.35 -32.35 -23.42
CA THR B 223 -21.58 -32.88 -22.31
C THR B 223 -21.54 -31.83 -21.20
N ILE B 224 -21.24 -30.52 -21.56
CA ILE B 224 -21.13 -29.40 -20.61
C ILE B 224 -22.45 -29.15 -19.89
N LEU B 225 -23.55 -29.10 -20.66
CA LEU B 225 -24.89 -28.88 -20.11
C LEU B 225 -25.33 -30.02 -19.20
N ARG B 226 -24.91 -31.26 -19.53
CA ARG B 226 -25.19 -32.45 -18.69
C ARG B 226 -24.40 -32.30 -17.40
N ALA B 227 -23.08 -31.93 -17.54
CA ALA B 227 -22.13 -31.68 -16.45
C ALA B 227 -22.62 -30.54 -15.54
N LEU B 228 -23.17 -29.47 -16.14
CA LEU B 228 -23.71 -28.34 -15.41
C LEU B 228 -24.89 -28.74 -14.53
N GLU B 229 -25.77 -29.62 -15.04
CA GLU B 229 -26.97 -30.06 -14.32
C GLU B 229 -26.64 -30.92 -13.10
N PHE B 230 -25.75 -31.90 -13.28
CA PHE B 230 -25.34 -32.83 -12.24
C PHE B 230 -24.42 -32.21 -11.22
N HIS B 231 -23.77 -31.07 -11.56
CA HIS B 231 -22.92 -30.32 -10.64
C HIS B 231 -23.80 -29.41 -9.81
N LEU B 232 -24.83 -28.81 -10.42
CA LEU B 232 -25.77 -27.92 -9.72
C LEU B 232 -26.57 -28.73 -8.70
N GLN B 233 -26.66 -30.05 -8.90
CA GLN B 233 -27.33 -30.96 -7.97
C GLN B 233 -26.46 -31.08 -6.71
N ALA B 234 -25.21 -31.50 -6.88
CA ALA B 234 -24.26 -31.69 -5.79
C ALA B 234 -23.87 -30.41 -5.06
N ASN B 235 -23.81 -29.28 -5.79
CA ASN B 235 -23.39 -27.98 -5.24
C ASN B 235 -24.53 -27.08 -4.73
N HIS B 236 -25.75 -27.22 -5.27
CA HIS B 236 -26.94 -26.45 -4.88
C HIS B 236 -28.14 -27.42 -4.79
N PRO B 237 -28.19 -28.34 -3.79
CA PRO B 237 -29.28 -29.32 -3.77
C PRO B 237 -30.68 -28.81 -3.48
N ASP B 238 -30.79 -27.81 -2.61
CA ASP B 238 -32.09 -27.26 -2.21
C ASP B 238 -32.57 -26.14 -3.14
N ALA B 239 -31.80 -25.88 -4.22
CA ALA B 239 -32.06 -24.84 -5.21
C ALA B 239 -33.11 -25.22 -6.27
N GLN B 240 -34.30 -24.63 -6.14
CA GLN B 240 -35.45 -24.84 -7.03
C GLN B 240 -35.25 -24.19 -8.42
N TYR B 241 -35.34 -25.03 -9.49
CA TYR B 241 -35.26 -24.68 -10.91
C TYR B 241 -33.96 -23.99 -11.37
N LEU B 242 -32.82 -24.19 -10.69
CA LEU B 242 -31.55 -23.51 -11.07
C LEU B 242 -31.10 -23.67 -12.53
N PHE B 243 -30.95 -24.92 -13.01
CA PHE B 243 -30.53 -25.26 -14.36
C PHE B 243 -31.40 -24.57 -15.45
N PRO B 244 -32.76 -24.70 -15.47
CA PRO B 244 -33.53 -23.99 -16.51
C PRO B 244 -33.47 -22.47 -16.36
N LYS B 245 -33.14 -21.98 -15.16
CA LYS B 245 -33.03 -20.54 -14.89
C LYS B 245 -31.75 -20.02 -15.55
N LEU B 246 -30.65 -20.81 -15.45
CA LEU B 246 -29.35 -20.49 -16.05
C LEU B 246 -29.43 -20.61 -17.56
N LEU B 247 -30.28 -21.54 -18.07
CA LEU B 247 -30.54 -21.72 -19.51
C LEU B 247 -31.26 -20.49 -20.04
N GLN B 248 -32.08 -19.84 -19.20
CA GLN B 248 -32.75 -18.61 -19.57
C GLN B 248 -31.78 -17.44 -19.50
N LYS B 249 -30.87 -17.44 -18.49
CA LYS B 249 -29.85 -16.39 -18.32
C LYS B 249 -28.92 -16.40 -19.53
N MET B 250 -28.69 -17.60 -20.13
CA MET B 250 -27.89 -17.81 -21.34
C MET B 250 -28.51 -17.09 -22.53
N ALA B 251 -29.85 -17.18 -22.62
CA ALA B 251 -30.65 -16.52 -23.64
C ALA B 251 -30.65 -15.00 -23.42
N ASP B 252 -30.87 -14.55 -22.15
CA ASP B 252 -30.88 -13.12 -21.79
C ASP B 252 -29.57 -12.46 -22.15
N LEU B 253 -28.45 -13.18 -21.92
CA LEU B 253 -27.09 -12.77 -22.24
C LEU B 253 -26.94 -12.56 -23.73
N ARG B 254 -27.61 -13.40 -24.56
CA ARG B 254 -27.59 -13.27 -26.02
C ARG B 254 -28.20 -11.92 -26.48
N GLN B 255 -29.26 -11.46 -25.78
CA GLN B 255 -29.97 -10.20 -26.04
C GLN B 255 -29.14 -8.97 -25.61
N LEU B 256 -28.53 -9.05 -24.42
CA LEU B 256 -27.69 -8.02 -23.81
C LEU B 256 -26.51 -7.69 -24.72
N VAL B 257 -25.95 -8.72 -25.40
CA VAL B 257 -24.84 -8.59 -26.35
C VAL B 257 -25.34 -7.96 -27.66
N THR B 258 -26.55 -8.34 -28.12
CA THR B 258 -27.18 -7.77 -29.33
C THR B 258 -27.32 -6.27 -29.07
N GLU B 259 -27.90 -5.90 -27.89
CA GLU B 259 -28.05 -4.53 -27.40
C GLU B 259 -26.69 -3.85 -27.36
N HIS B 260 -25.64 -4.54 -26.87
CA HIS B 260 -24.27 -4.05 -26.77
C HIS B 260 -23.65 -3.69 -28.14
N ALA B 261 -23.72 -4.63 -29.11
CA ALA B 261 -23.18 -4.44 -30.45
C ALA B 261 -23.84 -3.25 -31.11
N GLN B 262 -25.17 -3.11 -30.90
CA GLN B 262 -25.96 -1.97 -31.35
C GLN B 262 -25.41 -0.64 -30.79
N MET B 263 -25.07 -0.58 -29.50
CA MET B 263 -24.53 0.62 -28.88
C MET B 263 -23.18 0.96 -29.45
N MET B 264 -22.31 -0.05 -29.61
CA MET B 264 -20.95 0.17 -30.11
C MET B 264 -20.94 0.66 -31.54
N GLN B 265 -21.95 0.21 -32.32
CA GLN B 265 -22.17 0.61 -33.72
C GLN B 265 -22.43 2.12 -33.76
N ARG B 266 -23.30 2.63 -32.85
CA ARG B 266 -23.63 4.04 -32.68
C ARG B 266 -22.38 4.81 -32.25
N ILE B 267 -21.59 4.26 -31.31
CA ILE B 267 -20.35 4.88 -30.84
C ILE B 267 -19.33 4.99 -31.98
N LYS B 268 -19.26 3.96 -32.86
CA LYS B 268 -18.36 3.90 -34.02
C LYS B 268 -18.62 5.07 -35.02
N LYS B 269 -19.90 5.42 -35.25
CA LYS B 269 -20.30 6.51 -36.17
C LYS B 269 -20.22 7.88 -35.49
N THR B 270 -20.92 8.04 -34.34
CA THR B 270 -21.02 9.26 -33.52
C THR B 270 -19.65 9.75 -33.00
N GLU B 271 -18.95 8.89 -32.27
CA GLU B 271 -17.65 9.22 -31.69
C GLU B 271 -16.52 8.78 -32.62
N THR B 272 -16.24 9.62 -33.62
CA THR B 272 -15.25 9.38 -34.67
C THR B 272 -13.80 9.50 -34.15
N GLU B 273 -13.61 10.35 -33.13
CA GLU B 273 -12.32 10.61 -32.48
C GLU B 273 -11.88 9.50 -31.47
N THR B 274 -12.86 8.71 -30.95
CA THR B 274 -12.59 7.61 -30.00
C THR B 274 -12.15 6.36 -30.75
N SER B 275 -11.02 5.78 -30.32
CA SER B 275 -10.44 4.61 -30.98
C SER B 275 -10.92 3.27 -30.43
N LEU B 276 -11.70 2.54 -31.24
CA LEU B 276 -12.21 1.23 -30.84
C LEU B 276 -11.08 0.21 -31.10
N HIS B 277 -10.86 -0.73 -30.17
CA HIS B 277 -9.81 -1.73 -30.35
C HIS B 277 -10.09 -2.64 -31.55
N PRO B 278 -9.08 -2.86 -32.45
CA PRO B 278 -9.28 -3.71 -33.65
C PRO B 278 -9.91 -5.07 -33.46
N LEU B 279 -9.52 -5.81 -32.41
CA LEU B 279 -10.06 -7.13 -32.06
C LEU B 279 -11.53 -7.00 -31.71
N LEU B 280 -11.85 -5.98 -30.90
CA LEU B 280 -13.20 -5.70 -30.45
C LEU B 280 -14.03 -5.23 -31.60
N GLN B 281 -13.44 -4.34 -32.45
CA GLN B 281 -14.03 -3.78 -33.67
C GLN B 281 -14.45 -4.92 -34.63
N GLU B 282 -13.65 -6.02 -34.65
CA GLU B 282 -13.90 -7.24 -35.44
C GLU B 282 -15.15 -7.98 -34.89
N ILE B 283 -15.22 -8.21 -33.54
CA ILE B 283 -16.36 -8.84 -32.85
C ILE B 283 -17.69 -8.10 -33.20
N TYR B 284 -17.68 -6.75 -33.08
CA TYR B 284 -18.84 -5.89 -33.35
C TYR B 284 -19.21 -5.87 -34.84
N LYS B 285 -18.22 -6.16 -35.73
CA LYS B 285 -18.32 -6.18 -37.20
C LYS B 285 -19.53 -6.99 -37.69
N ASP B 286 -19.42 -8.33 -37.68
CA ASP B 286 -20.51 -9.19 -38.12
C ASP B 286 -21.22 -9.85 -36.93
N MET B 287 -21.91 -9.01 -36.14
CA MET B 287 -22.67 -9.34 -34.93
C MET B 287 -24.13 -8.89 -35.11
C1 08S C . 28.76 16.71 23.47
C2 08S C . 29.86 16.50 25.71
C3 08S C . 23.67 14.57 20.34
C4 08S C . 21.60 14.32 21.74
C5 08S C . 24.37 13.74 21.21
C6 08S C . 22.34 13.47 22.57
C7 08S C . 27.30 23.27 21.10
C8 08S C . 26.08 22.73 20.92
C9 08S C . 28.29 20.94 21.26
C10 08S C . 21.47 15.74 19.74
C11 08S C . 21.68 17.09 20.22
C12 08S C . 22.27 14.86 20.61
C13 08S C . 23.69 13.21 22.29
C14 08S C . 28.33 22.42 21.25
C15 08S C . 25.93 21.32 20.90
C16 08S C . 26.98 20.38 21.06
C17 08S C . 24.73 20.75 20.70
C18 08S C . 24.58 19.42 20.64
C19 08S C . 27.83 15.21 24.97
C20 08S C . 25.76 13.90 24.92
C21 08S C . 29.15 15.76 24.60
C22 08S C . 23.28 18.85 20.37
N23 08S C . 27.02 15.50 26.00
N24 08S C . 25.83 14.74 25.97
N25 08S C . 23.12 17.53 20.28
N26 08S C . 24.63 13.05 24.73
O27 08S C . 22.25 19.47 20.16
O28 08S C . 25.64 11.70 22.66
O29 08S C . 23.60 11.10 23.56
F30 08S C . 29.37 23.19 21.40
S31 08S C . 26.20 18.73 20.94
S32 08S C . 27.23 14.03 23.91
S33 08S C . 24.48 12.18 23.39
CL 08S C . 23.56 21.83 20.48
C1 BOG D . 5.47 17.17 27.74
O1 BOG D . 6.63 16.66 28.55
C2 BOG D . 4.10 16.76 28.44
O2 BOG D . 4.00 15.33 28.75
C3 BOG D . 2.80 17.45 27.80
O3 BOG D . 1.58 17.17 28.52
C4 BOG D . 2.89 18.96 27.35
O4 BOG D . 1.82 19.48 26.46
C5 BOG D . 4.36 19.41 26.96
O5 BOG D . 5.47 18.69 27.72
C6 BOG D . 4.41 20.98 26.84
O6 BOG D . 5.36 21.71 27.66
C1' BOG D . 7.12 15.37 28.10
C2' BOG D . 8.38 14.77 28.77
C3' BOG D . 8.18 13.54 29.66
C4' BOG D . 8.75 12.19 29.17
C5' BOG D . 8.72 11.10 30.20
C6' BOG D . 10.03 10.36 30.26
C7' BOG D . 10.71 10.44 31.65
C8' BOG D . 10.70 9.28 32.68
C1 08S E . -17.14 2.22 -18.53
C2 08S E . -17.75 4.13 -20.16
C3 08S E . -17.45 -3.73 -17.73
C4 08S E . -16.16 -4.80 -19.58
C5 08S E . -18.32 -3.17 -18.67
C6 08S E . -17.07 -4.21 -20.49
C7 08S E . -11.79 3.29 -14.65
C8 08S E . -11.66 2.02 -15.05
C9 08S E . -14.34 3.17 -14.99
C10 08S E . -15.35 -5.24 -17.23
C11 08S E . -14.28 -4.33 -16.84
C12 08S E . -16.34 -4.58 -18.17
C13 08S E . -18.11 -3.42 -20.01
C14 08S E . -13.04 3.83 -14.63
C15 08S E . -12.83 1.30 -15.36
C16 08S E . -14.18 1.79 -15.36
C17 08S E . -12.73 0.02 -15.69
C18 08S E . -13.80 -0.74 -15.95
C19 08S E . -17.93 1.67 -20.52
C20 08S E . -18.13 -0.47 -21.60
C21 08S E . -18.12 2.76 -19.59
C22 08S E . -13.63 -2.16 -16.22
N23 08S E . -17.11 1.54 -21.54
N24 08S E . -17.22 0.31 -22.19
N25 08S E . -14.67 -2.92 -16.47
N26 08S E . -18.38 -1.77 -22.11
O27 08S E . -12.59 -2.76 -16.21
O28 08S E . -20.26 -2.32 -20.46
O29 08S E . -19.52 -3.99 -21.93
F30 08S E . -12.82 5.04 -14.23
S31 08S E . -15.23 0.37 -15.87
S32 08S E . -18.87 0.34 -20.22
S33 08S E . -19.12 -2.82 -21.21
CL 08S E . -11.21 -0.45 -15.66
C1 BOG F . -4.29 -15.24 -27.09
O1 BOG F . -5.24 -14.47 -27.88
C2 BOG F . -3.53 -16.26 -28.03
O2 BOG F . -4.38 -17.08 -28.88
C3 BOG F . -2.47 -17.10 -27.25
O3 BOG F . -1.78 -17.93 -28.21
C4 BOG F . -1.51 -16.28 -26.26
O4 BOG F . -0.85 -17.07 -25.21
C5 BOG F . -2.10 -14.89 -25.73
O5 BOG F . -3.20 -14.32 -26.62
C6 BOG F . -0.93 -13.86 -25.50
O6 BOG F . -0.60 -13.42 -24.16
C1' BOG F . -6.43 -14.15 -27.13
C2' BOG F . -7.40 -13.12 -27.78
C3' BOG F . -7.95 -13.40 -29.20
C4' BOG F . -9.41 -13.94 -29.23
C5' BOG F . -10.02 -13.90 -30.61
C6' BOG F . -11.50 -13.83 -30.59
C7' BOG F . -11.86 -13.33 -31.97
C8' BOG F . -12.07 -11.84 -32.26
#